data_4R8I
#
_entry.id   4R8I
#
_cell.length_a   108.912
_cell.length_b   108.912
_cell.length_c   34.812
_cell.angle_alpha   90.00
_cell.angle_beta   90.00
_cell.angle_gamma   90.00
#
_symmetry.space_group_name_H-M   'P 43 21 2'
#
loop_
_entity.id
_entity.type
_entity.pdbx_description
1 polymer 'C-C motif chemokine 2'
2 polymer 'Mirror-Image RNA Oligonucleotide Aptamer NOXE36'
3 non-polymer 'SODIUM ION'
4 non-polymer 'STRONTIUM ION'
5 non-polymer 'POTASSIUM ION'
6 water water
#
loop_
_entity_poly.entity_id
_entity_poly.type
_entity_poly.pdbx_seq_one_letter_code
_entity_poly.pdbx_strand_id
1 'polypeptide(L)' MQPDAINAPVTCCYNFTNRKISVQRLASYRRITSSKCPKEAVIFKTIVAKEICADPKQKWVQDSMDHLDKQTQTPKT A
2 'polyribonucleotide'
;(0G)(0C)(0A)(0C)(0G)(0U)(0C)(0C)(0C)(0U)(0C)(0A)(0C)(0C)(0G)(0G)(0U)(0G)(0C)(0A)
(0A)(0G)(0U)(0G)(0A)(0A)(0G)(0C)(0C)(0G)(0U1)(0G)(0G)(0C)(0U)(0C)(0U)(0G)(0C)
(0G)
;
B
#
loop_
_chem_comp.id
_chem_comp.type
_chem_comp.name
_chem_comp.formula
0A L-RNA linking L-ADENOSINE-5'-MONOPHOSPHATE 'C10 H14 N5 O7 P'
0C L-RNA linking L-CYTIDINE-5'-MONOPHOSPHATE 'C9 H14 N3 O8 P'
0G L-RNA linking L-GUANOSINE-5'-MONOPHOSPHATE 'C10 H14 N5 O8 P'
0U L-RNA linking L-URIDINE-5'-MONOPHOSPHATE 'C9 H13 N2 O9 P'
0U1 L-RNA linking 2'-METHYLSELENYL-2'-DEOXY-L-URIDINE-5'-MONOPHOSPHATE 'C10 H15 N2 O8 P Se'
K non-polymer 'POTASSIUM ION' 'K 1'
NA non-polymer 'SODIUM ION' 'Na 1'
SR non-polymer 'STRONTIUM ION' 'Sr 2'
#
# COMPACT_ATOMS: atom_id res chain seq x y z
N ASP A 4 0.23 22.27 5.98
CA ASP A 4 0.96 22.29 4.68
C ASP A 4 1.85 21.04 4.54
N ALA A 5 2.35 20.81 3.33
CA ALA A 5 3.15 19.62 3.02
C ALA A 5 4.66 19.89 2.94
N ILE A 6 5.03 21.16 2.76
CA ILE A 6 6.44 21.53 2.53
C ILE A 6 7.43 20.91 3.54
N ASN A 7 7.07 20.96 4.82
CA ASN A 7 7.89 20.39 5.89
C ASN A 7 7.24 19.19 6.60
N ALA A 8 6.21 18.64 5.95
CA ALA A 8 5.57 17.40 6.40
C ALA A 8 6.53 16.22 6.14
N PRO A 9 6.59 15.27 7.08
CA PRO A 9 7.42 14.09 6.80
C PRO A 9 6.79 13.28 5.64
N VAL A 10 7.62 12.55 4.90
CA VAL A 10 7.14 11.74 3.78
C VAL A 10 7.36 10.26 4.05
N THR A 11 6.32 9.46 3.81
CA THR A 11 6.38 8.01 4.03
C THR A 11 6.58 7.26 2.71
N CYS A 12 7.58 6.37 2.70
CA CYS A 12 7.92 5.61 1.50
C CYS A 12 7.99 4.10 1.75
N CYS A 13 8.10 3.35 0.65
CA CYS A 13 8.29 1.90 0.70
C CYS A 13 9.61 1.53 0.07
N TYR A 14 10.36 0.68 0.77
CA TYR A 14 11.67 0.24 0.29
C TYR A 14 11.67 -1.27 0.04
N ASN A 15 10.98 -2.01 0.91
CA ASN A 15 10.81 -3.47 0.76
C ASN A 15 9.33 -3.83 0.51
N PHE A 16 9.09 -4.75 -0.42
CA PHE A 16 7.73 -5.23 -0.70
C PHE A 16 7.50 -6.63 -0.11
N THR A 17 6.33 -6.86 0.49
CA THR A 17 6.02 -8.18 1.04
C THR A 17 6.23 -9.26 -0.03
N ASN A 18 6.79 -10.39 0.39
CA ASN A 18 7.05 -11.55 -0.47
C ASN A 18 5.79 -12.35 -0.75
N ARG A 19 4.88 -12.31 0.22
CA ARG A 19 3.72 -13.18 0.21
C ARG A 19 2.47 -12.36 0.04
N LYS A 20 1.46 -12.98 -0.55
CA LYS A 20 0.21 -12.31 -0.84
C LYS A 20 -0.63 -12.30 0.43
N ILE A 21 -1.57 -11.36 0.52
CA ILE A 21 -2.44 -11.26 1.69
C ILE A 21 -3.85 -11.42 1.19
N SER A 22 -4.58 -12.37 1.77
CA SER A 22 -5.97 -12.60 1.39
C SER A 22 -6.82 -11.37 1.66
N VAL A 23 -7.82 -11.16 0.82
CA VAL A 23 -8.70 -10.00 0.93
C VAL A 23 -9.36 -9.91 2.33
N GLN A 24 -9.71 -11.04 2.91
CA GLN A 24 -10.34 -11.08 4.24
C GLN A 24 -9.47 -10.46 5.36
N ARG A 25 -8.17 -10.31 5.10
CA ARG A 25 -7.24 -9.72 6.09
C ARG A 25 -6.91 -8.26 5.83
N LEU A 26 -7.48 -7.67 4.79
CA LEU A 26 -7.17 -6.29 4.44
C LEU A 26 -8.29 -5.32 4.86
N ALA A 27 -7.91 -4.25 5.55
CA ALA A 27 -8.86 -3.22 5.94
C ALA A 27 -8.90 -2.06 4.94
N SER A 28 -7.75 -1.69 4.40
CA SER A 28 -7.66 -0.53 3.52
C SER A 28 -6.27 -0.42 2.90
N TYR A 29 -6.11 0.63 2.08
CA TYR A 29 -4.81 0.94 1.51
C TYR A 29 -4.66 2.42 1.22
N ARG A 30 -3.42 2.85 1.00
CA ARG A 30 -3.16 4.12 0.37
C ARG A 30 -1.97 4.00 -0.56
N ARG A 31 -1.90 4.91 -1.52
CA ARG A 31 -0.84 4.89 -2.51
C ARG A 31 0.28 5.83 -2.10
N ILE A 32 1.49 5.50 -2.54
CA ILE A 32 2.63 6.38 -2.34
C ILE A 32 2.81 7.26 -3.58
N THR A 33 2.65 8.56 -3.36
CA THR A 33 2.61 9.53 -4.45
C THR A 33 3.88 10.36 -4.53
N SER A 34 4.48 10.60 -3.37
CA SER A 34 5.64 11.48 -3.25
C SER A 34 6.79 11.10 -4.15
N SER A 35 7.30 12.08 -4.89
CA SER A 35 8.45 11.90 -5.77
C SER A 35 9.78 11.87 -5.00
N LYS A 36 9.69 11.89 -3.67
CA LYS A 36 10.87 11.67 -2.82
C LYS A 36 11.11 10.17 -2.66
N CYS A 37 10.04 9.39 -2.76
CA CYS A 37 10.07 7.94 -2.61
C CYS A 37 10.75 7.25 -3.80
N PRO A 38 11.52 6.17 -3.53
CA PRO A 38 12.31 5.51 -4.59
C PRO A 38 11.50 4.82 -5.68
N LYS A 39 10.31 4.33 -5.34
CA LYS A 39 9.49 3.59 -6.31
C LYS A 39 8.00 3.66 -5.98
N GLU A 40 7.18 3.41 -6.99
CA GLU A 40 5.73 3.26 -6.84
C GLU A 40 5.39 2.19 -5.80
N ALA A 41 4.39 2.47 -4.96
CA ALA A 41 4.05 1.53 -3.89
C ALA A 41 2.66 1.72 -3.34
N VAL A 42 2.18 0.64 -2.72
CA VAL A 42 0.90 0.59 -2.05
C VAL A 42 1.18 0.20 -0.61
N ILE A 43 0.48 0.83 0.34
CA ILE A 43 0.54 0.41 1.73
C ILE A 43 -0.80 -0.15 2.08
N PHE A 44 -0.84 -1.45 2.40
CA PHE A 44 -2.04 -2.07 2.91
C PHE A 44 -2.04 -1.93 4.42
N LYS A 45 -3.20 -1.59 4.96
CA LYS A 45 -3.38 -1.69 6.39
C LYS A 45 -4.28 -2.90 6.61
N THR A 46 -3.79 -3.87 7.38
CA THR A 46 -4.53 -5.10 7.62
C THR A 46 -5.63 -4.86 8.68
N ILE A 47 -6.47 -5.88 8.90
CA ILE A 47 -7.56 -5.77 9.86
C ILE A 47 -7.08 -5.65 11.30
N VAL A 48 -5.79 -5.85 11.52
CA VAL A 48 -5.19 -5.63 12.84
C VAL A 48 -4.23 -4.43 12.79
N ALA A 49 -4.46 -3.56 11.81
CA ALA A 49 -3.75 -2.27 11.70
C ALA A 49 -2.25 -2.32 11.38
N LYS A 50 -1.73 -3.51 11.06
CA LYS A 50 -0.35 -3.61 10.56
C LYS A 50 -0.25 -3.01 9.15
N GLU A 51 0.84 -2.30 8.90
CA GLU A 51 1.04 -1.62 7.63
C GLU A 51 2.08 -2.35 6.79
N ILE A 52 1.71 -2.67 5.55
CA ILE A 52 2.55 -3.54 4.71
C ILE A 52 2.76 -2.97 3.32
N CYS A 53 4.04 -2.80 2.95
CA CYS A 53 4.38 -2.36 1.62
C CYS A 53 4.12 -3.48 0.61
N ALA A 54 3.53 -3.10 -0.52
CA ALA A 54 3.21 -4.03 -1.59
C ALA A 54 3.40 -3.34 -2.93
N ASP A 55 3.80 -4.13 -3.92
CA ASP A 55 4.18 -3.66 -5.23
C ASP A 55 2.99 -3.57 -6.19
N PRO A 56 2.62 -2.35 -6.61
CA PRO A 56 1.45 -2.12 -7.47
C PRO A 56 1.62 -2.69 -8.88
N LYS A 57 2.85 -3.09 -9.24
CA LYS A 57 3.08 -3.84 -10.47
C LYS A 57 2.45 -5.24 -10.42
N GLN A 58 2.45 -5.88 -9.24
CA GLN A 58 1.88 -7.21 -9.04
C GLN A 58 0.35 -7.22 -9.15
N LYS A 59 -0.19 -8.21 -9.85
CA LYS A 59 -1.62 -8.27 -10.13
C LYS A 59 -2.52 -8.42 -8.90
N TRP A 60 -2.08 -9.20 -7.90
CA TRP A 60 -2.89 -9.38 -6.69
C TRP A 60 -3.10 -8.05 -5.95
N VAL A 61 -2.08 -7.21 -5.98
CA VAL A 61 -2.08 -5.88 -5.38
C VAL A 61 -3.12 -5.00 -6.07
N GLN A 62 -3.11 -4.99 -7.41
CA GLN A 62 -4.08 -4.25 -8.20
C GLN A 62 -5.52 -4.65 -7.89
N ASP A 63 -5.80 -5.96 -7.96
CA ASP A 63 -7.13 -6.50 -7.72
C ASP A 63 -7.62 -6.27 -6.28
N SER A 64 -6.72 -6.37 -5.31
CA SER A 64 -7.05 -6.07 -3.92
C SER A 64 -7.49 -4.61 -3.76
N MET A 65 -6.76 -3.71 -4.43
CA MET A 65 -7.07 -2.27 -4.41
C MET A 65 -8.46 -1.98 -4.98
N ASP A 66 -8.77 -2.59 -6.12
CA ASP A 66 -10.10 -2.47 -6.72
C ASP A 66 -11.18 -2.97 -5.76
N HIS A 67 -10.93 -4.11 -5.11
CA HIS A 67 -11.92 -4.65 -4.19
C HIS A 67 -12.19 -3.70 -3.03
N LEU A 68 -11.13 -3.16 -2.44
CA LEU A 68 -11.24 -2.25 -1.30
C LEU A 68 -11.90 -0.93 -1.68
N ASP A 69 -11.58 -0.42 -2.87
CA ASP A 69 -12.24 0.76 -3.44
C ASP A 69 -13.76 0.62 -3.43
N LYS A 70 -14.25 -0.59 -3.73
CA LYS A 70 -15.70 -0.84 -3.84
C LYS A 70 -16.43 -0.84 -2.51
N GLN A 71 -15.79 -1.36 -1.46
CA GLN A 71 -16.35 -1.33 -0.12
C GLN A 71 -15.54 -0.39 0.77
OP3 0G B 1 4.48 -29.71 -19.75
P 0G B 1 3.36 -30.63 -19.39
OP1 0G B 1 3.80 -31.64 -20.40
OP2 0G B 1 3.55 -29.19 -19.68
O5' 0G B 1 1.83 -30.89 -18.88
C5' 0G B 1 1.15 -32.15 -18.94
C4' 0G B 1 -0.37 -31.90 -18.89
O4' 0G B 1 -0.76 -31.07 -20.01
C3' 0G B 1 -0.77 -31.08 -17.66
O3' 0G B 1 -1.02 -31.95 -16.54
C2' 0G B 1 -2.07 -30.47 -18.13
O2' 0G B 1 -3.18 -31.43 -18.06
C1' 0G B 1 -1.77 -30.13 -19.57
N9 0G B 1 -1.25 -28.73 -19.77
C8 0G B 1 -0.02 -28.37 -20.13
N7 0G B 1 0.02 -27.04 -20.22
C6 0G B 1 -1.72 -25.33 -19.87
O6 0G B 1 -1.02 -24.34 -20.11
C5 0G B 1 -1.20 -26.58 -19.91
N1 0G B 1 -3.06 -25.12 -19.50
C2 0G B 1 -3.84 -26.25 -19.22
N2 0G B 1 -5.11 -26.08 -18.88
N3 0G B 1 -3.30 -27.46 -19.30
C4 0G B 1 -2.00 -27.62 -19.64
P 0C B 2 -0.86 -31.38 -15.04
OP1 0C B 2 0.31 -30.50 -14.96
OP2 0C B 2 -0.96 -32.61 -14.21
O5' 0C B 2 -2.22 -30.52 -14.85
C5' 0C B 2 -3.48 -31.16 -14.77
C4' 0C B 2 -4.53 -30.08 -14.68
O4' 0C B 2 -4.33 -29.20 -15.85
C3' 0C B 2 -4.24 -29.18 -13.50
O3' 0C B 2 -4.78 -29.69 -12.25
C2' 0C B 2 -4.91 -27.91 -13.90
O2' 0C B 2 -6.28 -28.05 -13.71
C1' 0C B 2 -4.65 -27.85 -15.40
N1 0C B 2 -3.50 -26.97 -15.74
C2 0C B 2 -3.69 -25.65 -15.86
O2 0C B 2 -4.80 -25.17 -15.67
N3 0C B 2 -2.62 -24.82 -16.19
C4 0C B 2 -1.36 -25.33 -16.41
N4 0C B 2 -0.37 -24.51 -16.75
C5 0C B 2 -1.15 -26.71 -16.31
C6 0C B 2 -2.21 -27.50 -15.95
P 0A B 3 -4.04 -29.35 -10.87
N1 0A B 3 -1.27 -21.07 -13.70
C2 0A B 3 -2.55 -20.61 -13.14
N3 0A B 3 -3.29 -21.73 -12.55
C4 0A B 3 -2.83 -22.99 -12.55
C5 0A B 3 -1.66 -23.30 -13.10
C6 0A B 3 -0.90 -22.35 -13.67
N6 0A B 3 0.26 -22.73 -14.21
N7 0A B 3 -1.49 -24.60 -12.92
C8 0A B 3 -2.54 -25.10 -12.27
N9 0A B 3 -3.37 -24.10 -12.03
C1' 0A B 3 -4.68 -24.04 -11.35
C2' 0A B 3 -4.52 -23.96 -9.81
O2' 0A B 3 -5.66 -23.32 -9.31
C3' 0A B 3 -4.57 -25.39 -9.42
O3' 0A B 3 -4.90 -25.56 -8.01
C4' 0A B 3 -5.73 -25.85 -10.30
O4' 0A B 3 -5.45 -25.24 -11.59
C5' 0A B 3 -5.71 -27.36 -10.46
O5' 0A B 3 -4.37 -27.80 -10.66
OP1 0A B 3 -2.57 -29.43 -11.11
OP2 0A B 3 -4.66 -30.21 -9.83
P 0C B 4 -3.74 -25.56 -6.92
OP1 0C B 4 -2.48 -25.95 -7.59
OP2 0C B 4 -4.19 -26.32 -5.75
O5' 0C B 4 -3.64 -23.99 -6.54
C5' 0C B 4 -4.73 -23.29 -5.94
C4' 0C B 4 -4.13 -21.97 -5.43
O4' 0C B 4 -2.93 -22.29 -4.70
C3' 0C B 4 -5.01 -21.35 -4.42
O3' 0C B 4 -5.98 -20.56 -5.09
C2' 0C B 4 -4.05 -20.45 -3.67
O2' 0C B 4 -3.71 -19.26 -4.44
C1' 0C B 4 -2.82 -21.36 -3.60
N1 0C B 4 -2.75 -22.13 -2.33
C2 0C B 4 -2.34 -21.53 -1.19
O2 0C B 4 -2.04 -20.34 -1.17
N3 0C B 4 -2.24 -22.28 0.00
C4 0C B 4 -2.56 -23.62 0.02
N4 0C B 4 -2.47 -24.31 1.16
C5 0C B 4 -2.99 -24.24 -1.15
C6 0C B 4 -3.07 -23.51 -2.32
P 0G B 5 -7.42 -20.37 -4.44
OP1 0G B 5 -7.79 -21.53 -3.62
OP2 0G B 5 -8.21 -19.92 -5.60
O5' 0G B 5 -7.22 -19.13 -3.48
C5' 0G B 5 -6.79 -17.88 -4.02
C4' 0G B 5 -6.33 -16.96 -2.88
O4' 0G B 5 -5.31 -17.61 -2.03
C3' 0G B 5 -7.54 -16.65 -1.99
O3' 0G B 5 -7.44 -15.29 -1.57
C2' 0G B 5 -7.25 -17.59 -0.83
O2' 0G B 5 -7.97 -17.20 0.33
C1' 0G B 5 -5.75 -17.42 -0.66
N9 0G B 5 -5.26 -18.39 0.35
C8 0G B 5 -4.60 -18.05 1.47
N7 0G B 5 -4.37 -19.17 2.15
C6 0G B 5 -4.89 -21.52 1.72
O6 0G B 5 -4.39 -22.00 2.75
C5 0G B 5 -4.86 -20.20 1.47
N1 0G B 5 -5.49 -22.38 0.80
C2 0G B 5 -6.08 -21.84 -0.36
N2 0G B 5 -6.68 -22.63 -1.24
N3 0G B 5 -6.03 -20.53 -0.56
C4 0G B 5 -5.43 -19.71 0.35
P 0U B 6 -8.76 -14.35 -1.52
OP1 0U B 6 -8.22 -13.08 -1.02
OP2 0U B 6 -9.72 -15.14 -0.74
O5' 0U B 6 -9.20 -14.21 -3.04
C5' 0U B 6 -8.31 -13.59 -3.97
C4' 0U B 6 -9.10 -13.17 -5.22
O4' 0U B 6 -10.04 -12.16 -4.80
C3' 0U B 6 -9.91 -14.35 -5.77
O3' 0U B 6 -9.87 -14.30 -7.21
C2' 0U B 6 -11.29 -14.06 -5.25
O2' 0U B 6 -12.30 -14.61 -6.10
C1' 0U B 6 -11.31 -12.54 -5.29
N1 0U B 6 -12.36 -12.01 -4.38
C2 0U B 6 -13.45 -11.42 -4.92
O2 0U B 6 -13.57 -11.31 -6.14
N3 0U B 6 -14.46 -10.92 -4.09
C4 0U B 6 -14.32 -11.03 -2.71
O4 0U B 6 -15.21 -10.58 -1.99
C5 0U B 6 -13.22 -11.64 -2.14
C6 0U B 6 -12.22 -12.12 -2.98
P 0C B 7 -9.45 -15.57 -8.04
OP1 0C B 7 -9.30 -14.78 -9.28
OP2 0C B 7 -10.26 -16.79 -8.01
O5' 0C B 7 -7.98 -15.95 -7.41
C5' 0C B 7 -6.73 -15.47 -7.92
C4' 0C B 7 -5.65 -16.13 -7.04
O4' 0C B 7 -5.67 -15.45 -5.75
C3' 0C B 7 -4.24 -15.96 -7.59
O3' 0C B 7 -3.45 -17.11 -7.18
C2' 0C B 7 -3.79 -14.69 -6.87
O2' 0C B 7 -2.38 -14.61 -6.80
C1' 0C B 7 -4.36 -14.93 -5.50
N1 0C B 7 -4.63 -13.72 -4.68
C2 0C B 7 -5.32 -12.66 -5.17
O2 0C B 7 -5.74 -12.63 -6.32
N3 0C B 7 -5.57 -11.54 -4.34
C4 0C B 7 -5.14 -11.51 -3.03
N4 0C B 7 -5.39 -10.45 -2.27
C5 0C B 7 -4.44 -12.61 -2.53
C6 0C B 7 -4.19 -13.71 -3.35
P 0C B 8 -3.36 -18.42 -8.08
OP1 0C B 8 -4.42 -18.52 -9.12
OP2 0C B 8 -3.23 -19.51 -7.08
O5' 0C B 8 -1.92 -18.24 -8.80
C5' 0C B 8 -1.70 -17.30 -9.86
C4' 0C B 8 -0.45 -17.71 -10.64
O4' 0C B 8 -0.72 -18.98 -11.29
C3' 0C B 8 0.68 -18.07 -9.69
O3' 0C B 8 1.41 -16.90 -9.22
C2' 0C B 8 1.53 -18.91 -10.57
O2' 0C B 8 2.16 -18.13 -11.63
C1' 0C B 8 0.47 -19.74 -11.26
N1 0C B 8 0.21 -21.06 -10.64
C2 0C B 8 1.05 -22.08 -10.90
O2 0C B 8 2.06 -21.90 -11.61
N3 0C B 8 0.82 -23.34 -10.38
C4 0C B 8 -0.29 -23.56 -9.58
N4 0C B 8 -0.51 -24.77 -9.08
C5 0C B 8 -1.16 -22.52 -9.29
C6 0C B 8 -0.93 -21.27 -9.83
P 0C B 9 2.23 -16.98 -7.85
OP1 0C B 9 1.49 -17.59 -6.74
OP2 0C B 9 2.69 -15.58 -7.70
O5' 0C B 9 3.49 -17.95 -8.24
C5' 0C B 9 4.45 -17.49 -9.21
C4' 0C B 9 5.54 -18.53 -9.46
O4' 0C B 9 4.90 -19.74 -9.91
C3' 0C B 9 6.15 -18.93 -8.16
O3' 0C B 9 7.15 -17.98 -7.71
C2' 0C B 9 6.72 -20.30 -8.46
O2' 0C B 9 8.00 -20.26 -9.16
C1' 0C B 9 5.65 -20.88 -9.41
N1 0C B 9 4.70 -21.84 -8.76
C2 0C B 9 5.06 -23.13 -8.55
O2 0C B 9 6.16 -23.55 -8.90
N3 0C B 9 4.15 -24.05 -7.96
C4 0C B 9 2.89 -23.60 -7.53
N4 0C B 9 2.04 -24.46 -6.98
C5 0C B 9 2.52 -22.27 -7.73
C6 0C B 9 3.42 -21.40 -8.34
P 0U B 10 7.61 -17.99 -6.20
OP1 0U B 10 8.48 -16.78 -6.12
OP2 0U B 10 8.15 -19.31 -5.83
O5' 0U B 10 6.23 -17.77 -5.41
C5' 0U B 10 5.58 -16.47 -5.44
C4' 0U B 10 5.41 -15.88 -4.01
O4' 0U B 10 6.72 -15.56 -3.48
C3' 0U B 10 4.79 -16.92 -3.06
O3' 0U B 10 3.88 -16.30 -2.17
C2' 0U B 10 5.98 -17.43 -2.31
O2' 0U B 10 5.59 -17.97 -1.03
C1' 0U B 10 6.82 -16.16 -2.17
N1 0U B 10 8.21 -16.59 -1.87
C2 0U B 10 8.71 -16.45 -0.63
O2 0U B 10 8.05 -15.94 0.28
N3 0U B 10 10.00 -16.90 -0.36
C4 0U B 10 10.77 -17.49 -1.35
O4 0U B 10 11.91 -17.88 -1.08
C5 0U B 10 10.26 -17.65 -2.64
C6 0U B 10 8.98 -17.19 -2.89
P 0C B 11 2.33 -16.59 -2.30
OP1 0C B 11 1.87 -16.63 -3.71
OP2 0C B 11 1.68 -15.68 -1.36
O5' 0C B 11 2.23 -18.11 -1.80
C5' 0C B 11 2.17 -18.50 -0.43
C4' 0C B 11 1.69 -19.98 -0.42
O4' 0C B 11 1.46 -20.46 0.92
C3' 0C B 11 2.76 -20.90 -1.03
O3' 0C B 11 2.11 -21.92 -1.83
C2' 0C B 11 3.38 -21.54 0.19
O2' 0C B 11 3.93 -22.83 -0.16
C1' 0C B 11 2.14 -21.71 1.06
N1 0C B 11 2.48 -21.99 2.49
C2 0C B 11 2.33 -23.25 2.98
O2 0C B 11 1.90 -24.15 2.27
N3 0C B 11 2.65 -23.55 4.30
C4 0C B 11 3.13 -22.56 5.14
N4 0C B 11 3.42 -22.89 6.40
C5 0C B 11 3.31 -21.26 4.67
C6 0C B 11 2.98 -20.97 3.34
P 0A B 12 2.08 -21.81 -3.42
N1 0A B 12 8.06 -28.13 -4.23
C2 0A B 12 9.05 -27.10 -4.64
N3 0A B 12 8.36 -25.82 -4.91
C4 0A B 12 7.03 -25.66 -4.75
C5 0A B 12 6.23 -26.66 -4.39
C6 0A B 12 6.75 -27.88 -4.12
N6 0A B 12 5.93 -28.84 -3.73
N7 0A B 12 4.99 -26.18 -4.33
C8 0A B 12 5.00 -24.90 -4.70
N9 0A B 12 6.28 -24.59 -4.96
C1' 0A B 12 6.85 -23.29 -5.39
C2' 0A B 12 7.65 -22.64 -4.25
O2' 0A B 12 8.65 -21.74 -4.75
C3' 0A B 12 6.57 -21.86 -3.55
O3' 0A B 12 7.13 -20.79 -2.79
C4' 0A B 12 5.81 -21.29 -4.76
O4' 0A B 12 5.75 -22.39 -5.68
C5' 0A B 12 4.37 -20.89 -4.39
O5' 0A B 12 3.66 -21.99 -3.82
OP1 0A B 12 1.61 -20.51 -3.95
OP2 0A B 12 1.41 -23.03 -3.86
P 0C B 13 7.39 -20.98 -1.22
OP1 0C B 13 6.33 -21.71 -0.51
OP2 0C B 13 7.74 -19.62 -0.73
O5' 0C B 13 8.69 -21.94 -1.18
C5' 0C B 13 10.00 -21.62 -1.67
C4' 0C B 13 10.87 -22.90 -1.52
O4' 0C B 13 10.29 -23.95 -2.32
C3' 0C B 13 10.76 -23.41 -0.10
O3' 0C B 13 11.66 -22.71 0.80
C2' 0C B 13 11.12 -24.87 -0.26
O2' 0C B 13 12.53 -25.09 -0.41
C1' 0C B 13 10.41 -25.21 -1.56
N1 0C B 13 9.07 -25.80 -1.30
C2 0C B 13 9.00 -27.12 -1.05
O2 0C B 13 10.04 -27.80 -1.04
N3 0C B 13 7.79 -27.77 -0.81
C4 0C B 13 6.62 -27.04 -0.82
N4 0C B 13 5.49 -27.70 -0.60
C5 0C B 13 6.64 -25.66 -1.07
C6 0C B 13 7.87 -25.04 -1.31
P 0C B 14 11.24 -22.46 2.30
OP1 0C B 14 9.89 -21.82 2.42
OP2 0C B 14 12.38 -21.77 2.91
O5' 0C B 14 11.18 -23.95 2.87
C5' 0C B 14 10.16 -24.45 3.75
C4' 0C B 14 10.16 -25.97 3.56
O4' 0C B 14 9.42 -26.32 2.35
C3' 0C B 14 9.38 -26.66 4.66
O3' 0C B 14 10.18 -26.75 5.86
C2' 0C B 14 9.16 -28.01 3.98
O2' 0C B 14 10.37 -28.79 3.90
C1' 0C B 14 8.74 -27.56 2.57
N1 0C B 14 7.28 -27.30 2.55
C2 0C B 14 6.43 -28.36 2.58
O2 0C B 14 6.88 -29.50 2.65
N3 0C B 14 5.02 -28.17 2.56
C4 0C B 14 4.50 -26.87 2.49
N4 0C B 14 3.18 -26.68 2.47
C5 0C B 14 5.39 -25.79 2.44
C6 0C B 14 6.77 -26.00 2.48
P 0G B 15 9.46 -26.84 7.30
OP1 0G B 15 8.37 -25.89 7.49
OP2 0G B 15 10.64 -26.78 8.18
O5' 0G B 15 8.86 -28.32 7.30
C5' 0G B 15 9.76 -29.41 7.39
C4' 0G B 15 9.02 -30.72 7.09
O4' 0G B 15 8.34 -30.63 5.81
C3' 0G B 15 7.89 -30.95 8.07
O3' 0G B 15 8.36 -31.59 9.26
C2' 0G B 15 7.00 -31.89 7.29
O2' 0G B 15 7.55 -33.22 7.23
C1' 0G B 15 7.05 -31.26 5.90
N9 0G B 15 5.93 -30.29 5.79
C8 0G B 15 6.01 -28.96 5.81
N7 0G B 15 4.78 -28.48 5.70
C6 0G B 15 2.59 -29.55 5.54
O6 0G B 15 1.89 -28.53 5.47
C5 0G B 15 3.93 -29.50 5.64
N1 0G B 15 1.95 -30.79 5.48
C2 0G B 15 2.73 -31.95 5.56
N2 0G B 15 2.14 -33.13 5.52
N3 0G B 15 4.08 -31.85 5.66
C4 0G B 15 4.66 -30.64 5.70
P 0G B 16 7.58 -31.39 10.64
OP1 0G B 16 7.32 -29.98 10.94
OP2 0G B 16 8.49 -32.17 11.50
O5' 0G B 16 6.24 -32.20 10.42
C5' 0G B 16 6.27 -33.64 10.41
C4' 0G B 16 4.90 -34.20 10.07
O4' 0G B 16 4.45 -33.54 8.87
C3' 0G B 16 3.86 -33.76 11.11
O3' 0G B 16 3.82 -34.65 12.24
C2' 0G B 16 2.60 -33.90 10.31
O2' 0G B 16 2.23 -35.26 10.20
C1' 0G B 16 3.02 -33.37 8.94
N9 0G B 16 2.69 -31.91 8.86
C8 0G B 16 3.51 -30.86 8.94
N7 0G B 16 2.76 -29.76 8.85
C6 0G B 16 0.34 -29.40 8.58
O6 0G B 16 0.32 -28.17 8.55
C5 0G B 16 1.47 -30.11 8.72
N1 0G B 16 -0.89 -30.05 8.45
C2 0G B 16 -0.90 -31.46 8.48
N2 0G B 16 -2.05 -32.10 8.38
N3 0G B 16 0.27 -32.12 8.62
C4 0G B 16 1.43 -31.45 8.72
P 0U B 17 3.53 -34.04 13.71
OP1 0U B 17 4.28 -32.78 13.93
OP2 0U B 17 3.77 -35.19 14.61
O5' 0U B 17 1.97 -33.75 13.67
C5' 0U B 17 1.01 -34.82 13.46
C4' 0U B 17 -0.38 -34.22 13.28
O4' 0U B 17 -0.27 -33.37 12.11
C3' 0U B 17 -0.69 -33.24 14.41
O3' 0U B 17 -1.32 -33.90 15.53
C2' 0U B 17 -1.66 -32.29 13.73
O2' 0U B 17 -2.98 -32.86 13.67
C1' 0U B 17 -1.10 -32.17 12.31
N1 0U B 17 -0.33 -30.90 12.17
C2 0U B 17 -0.96 -29.77 11.83
O2 0U B 17 -2.18 -29.77 11.64
N3 0U B 17 -0.24 -28.58 11.70
C4 0U B 17 1.13 -28.56 11.92
O4 0U B 17 1.76 -27.52 11.80
C5 0U B 17 1.80 -29.73 12.27
C6 0U B 17 1.05 -30.89 12.39
P 0G B 18 -0.87 -33.54 17.02
OP1 0G B 18 0.56 -33.31 17.30
OP2 0G B 18 -1.58 -34.64 17.70
O5' 0G B 18 -1.59 -32.16 17.30
C5' 0G B 18 -3.01 -31.99 17.30
C4' 0G B 18 -3.30 -30.51 17.07
O4' 0G B 18 -2.75 -30.14 15.76
C3' 0G B 18 -2.52 -29.63 18.05
O3' 0G B 18 -3.23 -29.44 19.31
C2' 0G B 18 -2.47 -28.33 17.27
O2' 0G B 18 -3.71 -27.60 17.39
C1' 0G B 18 -2.20 -28.81 15.83
N9 0G B 18 -0.72 -28.72 15.66
C8 0G B 18 0.18 -29.66 15.97
N7 0G B 18 1.40 -29.15 15.72
C6 0G B 18 2.14 -27.00 14.86
O6 0G B 18 3.36 -27.23 14.88
C5 0G B 18 1.24 -27.92 15.26
N1 0G B 18 1.69 -25.74 14.42
C2 0G B 18 0.31 -25.49 14.39
N2 0G B 18 -0.17 -24.34 13.98
N3 0G B 18 -0.53 -26.46 14.79
C4 0G B 18 -0.07 -27.65 15.22
P 0C B 19 -2.42 -29.42 20.69
OP1 0C B 19 -1.21 -30.20 21.02
OP2 0C B 19 -3.73 -29.79 21.30
O5' 0C B 19 -2.08 -27.89 20.90
C5' 0C B 19 -1.00 -27.54 21.79
C4' 0C B 19 -0.93 -26.02 22.01
O4' 0C B 19 -2.24 -25.53 22.42
C3' 0C B 19 -0.67 -25.30 20.70
O3' 0C B 19 0.73 -25.26 20.33
C2' 0C B 19 -1.14 -23.92 21.02
O2' 0C B 19 -0.15 -23.20 21.79
C1' 0C B 19 -2.38 -24.17 21.88
N1 0C B 19 -3.62 -24.01 21.07
C2 0C B 19 -4.05 -22.78 20.69
O2 0C B 19 -3.44 -21.76 21.00
N3 0C B 19 -5.22 -22.67 19.94
C4 0C B 19 -5.95 -23.78 19.58
N4 0C B 19 -7.06 -23.62 18.87
C5 0C B 19 -5.51 -25.05 19.95
C6 0C B 19 -4.35 -25.16 20.70
P 0A B 20 1.17 -25.48 18.79
N1 0A B 20 -6.53 -23.08 15.86
C2 0A B 20 -6.05 -21.68 15.94
N3 0A B 20 -4.63 -21.66 16.32
C4 0A B 20 -3.94 -22.77 16.59
C5 0A B 20 -4.47 -23.98 16.53
C6 0A B 20 -5.75 -24.12 16.14
N6 0A B 20 -6.23 -25.37 16.04
N7 0A B 20 -3.50 -24.84 16.85
C8 0A B 20 -2.39 -24.18 17.12
N9 0A B 20 -2.66 -22.89 16.96
C1' 0A B 20 -1.83 -21.69 17.22
C2' 0A B 20 -0.95 -21.28 16.06
O2' 0A B 20 -0.84 -19.87 16.13
C3' 0A B 20 0.39 -21.92 16.42
O3' 0A B 20 1.49 -21.20 15.83
C4' 0A B 20 0.42 -21.74 17.93
O4' 0A B 20 -0.96 -21.94 18.36
C5' 0A B 20 1.26 -22.86 18.54
O5' 0A B 20 0.73 -24.11 18.09
OP1 0A B 20 0.51 -26.62 18.15
OP2 0A B 20 2.65 -25.47 18.97
P 0A B 21 2.34 -21.87 14.66
N1 0A B 21 -4.74 -25.44 9.84
C2 0A B 21 -4.59 -24.00 9.51
N3 0A B 21 -3.21 -23.55 9.76
C4 0A B 21 -2.23 -24.38 10.18
C5 0A B 21 -2.49 -25.67 10.44
C6 0A B 21 -3.70 -26.17 10.27
N6 0A B 21 -3.85 -27.46 10.54
N7 0A B 21 -1.35 -26.24 10.85
C8 0A B 21 -0.40 -25.30 10.84
N9 0A B 21 -0.94 -24.15 10.41
C1' 0A B 21 -0.28 -22.84 10.24
C2' 0A B 21 1.26 -22.94 10.24
O2' 0A B 21 1.71 -23.30 8.92
C3' 0A B 21 1.67 -21.51 10.59
O3' 0A B 21 1.92 -20.70 9.43
C4' 0A B 21 0.48 -20.94 11.35
O4' 0A B 21 -0.53 -22.00 11.37
C5' 0A B 21 0.88 -20.68 12.81
O5' 0A B 21 1.29 -21.91 13.42
OP1 0A B 21 2.87 -23.24 14.90
OP2 0A B 21 3.27 -20.73 14.54
P 0G B 22 3.36 -20.02 9.22
OP1 0G B 22 4.09 -21.00 8.37
OP2 0G B 22 3.92 -19.62 10.51
O5' 0G B 22 3.03 -18.73 8.34
C5' 0G B 22 2.40 -17.57 8.87
C4' 0G B 22 1.68 -16.82 7.73
O4' 0G B 22 0.58 -17.63 7.25
C3' 0G B 22 2.61 -16.58 6.56
O3' 0G B 22 2.24 -15.33 5.98
C2' 0G B 22 2.26 -17.75 5.60
O2' 0G B 22 2.58 -17.43 4.21
C1' 0G B 22 0.74 -17.90 5.83
N9 0G B 22 0.29 -19.29 5.54
C8 0G B 22 0.34 -20.37 6.34
N7 0G B 22 -0.15 -21.41 5.66
C6 0G B 22 -1.03 -21.63 3.39
O6 0G B 22 -1.28 -22.84 3.41
C5 0G B 22 -0.50 -20.98 4.44
N1 0G B 22 -1.28 -20.89 2.23
C2 0G B 22 -1.00 -19.52 2.17
N2 0G B 22 -1.26 -18.82 1.07
N3 0G B 22 -0.47 -18.94 3.26
C4 0G B 22 -0.22 -19.66 4.37
P 0U B 23 3.22 -14.07 6.06
OP1 0U B 23 2.71 -13.15 5.04
OP2 0U B 23 4.62 -14.55 6.02
O5' 0U B 23 2.90 -13.44 7.50
C5' 0U B 23 1.93 -12.40 7.74
C4' 0U B 23 1.95 -12.06 9.26
O4' 0U B 23 3.22 -11.51 9.75
C3' 0U B 23 1.75 -13.35 10.07
O3' 0U B 23 1.00 -13.06 11.25
C2' 0U B 23 3.14 -13.78 10.45
O2' 0U B 23 3.12 -14.59 11.64
C1' 0U B 23 3.83 -12.44 10.69
N1 0U B 23 5.29 -12.54 10.46
C2 0U B 23 6.18 -12.36 11.47
O2 0U B 23 5.79 -12.10 12.62
N3 0U B 23 7.58 -12.43 11.23
C4 0U B 23 8.05 -12.73 9.94
O4 0U B 23 9.26 -12.81 9.74
C5 0U B 23 7.14 -12.92 8.89
C6 0U B 23 5.77 -12.83 9.15
P 0G B 24 -0.59 -13.26 11.25
OP1 0G B 24 -1.22 -12.46 10.19
OP2 0G B 24 -0.96 -13.01 12.67
O5' 0G B 24 -0.76 -14.81 10.92
C5' 0G B 24 -0.38 -15.84 11.84
C4' 0G B 24 -1.10 -17.14 11.43
O4' 0G B 24 -0.78 -17.46 10.06
C3' 0G B 24 -2.56 -16.87 11.37
O3' 0G B 24 -3.14 -16.96 12.68
C2' 0G B 24 -3.03 -17.99 10.49
O2' 0G B 24 -2.96 -19.25 11.22
C1' 0G B 24 -1.94 -18.06 9.46
N9 0G B 24 -2.15 -17.30 8.17
C8 0G B 24 -1.92 -16.02 7.89
N7 0G B 24 -2.20 -15.81 6.60
C6 0G B 24 -3.03 -17.29 4.81
O6 0G B 24 -3.08 -16.47 3.88
C5 0G B 24 -2.62 -16.95 6.06
N1 0G B 24 -3.40 -18.59 4.56
C2 0G B 24 -3.35 -19.54 5.58
N2 0G B 24 -3.71 -20.80 5.35
N3 0G B 24 -2.94 -19.16 6.81
C4 0G B 24 -2.58 -17.89 7.05
P 0A B 25 -4.60 -16.38 12.97
N1 0A B 25 -2.86 -23.71 13.36
C2 0A B 25 -3.06 -22.28 13.04
N3 0A B 25 -4.47 -21.99 12.72
C4 0A B 25 -5.41 -22.95 12.71
C5 0A B 25 -5.12 -24.23 12.99
C6 0A B 25 -3.87 -24.59 13.32
N6 0A B 25 -3.62 -25.88 13.58
N7 0A B 25 -6.25 -24.93 12.89
C8 0A B 25 -7.24 -24.09 12.55
N9 0A B 25 -6.72 -22.87 12.43
C1' 0A B 25 -7.44 -21.62 12.06
C2' 0A B 25 -6.75 -20.92 10.87
O2' 0A B 25 -7.20 -21.47 9.66
C3' 0A B 25 -7.23 -19.49 11.04
O3' 0A B 25 -8.61 -19.41 10.67
C4' 0A B 25 -7.11 -19.33 12.58
O4' 0A B 25 -7.30 -20.67 13.13
C5' 0A B 25 -5.74 -18.76 12.99
O5' 0A B 25 -5.55 -17.49 12.37
OP1 0A B 25 -4.89 -15.08 12.37
OP2 0A B 25 -4.46 -16.54 14.44
P 0A B 26 -9.28 -18.00 10.26
N1 0A B 26 -15.83 -14.46 5.17
C2 0A B 26 -15.87 -15.82 4.60
N3 0A B 26 -14.82 -16.66 5.21
C4 0A B 26 -13.96 -16.21 6.15
C5 0A B 26 -14.01 -14.95 6.57
C6 0A B 26 -14.91 -14.10 6.09
N6 0A B 26 -14.91 -12.86 6.57
N7 0A B 26 -13.04 -14.81 7.48
C8 0A B 26 -12.40 -15.97 7.60
N9 0A B 26 -12.98 -16.85 6.78
C1' 0A B 26 -12.62 -18.27 6.56
C2' 0A B 26 -12.77 -19.12 7.82
O2' 0A B 26 -14.10 -19.61 7.96
C3' 0A B 26 -11.80 -20.24 7.53
O3' 0A B 26 -12.39 -21.15 6.58
C4' 0A B 26 -10.64 -19.48 6.86
O4' 0A B 26 -11.21 -18.29 6.29
C5' 0A B 26 -9.57 -19.04 7.88
O5' 0A B 26 -10.18 -18.41 9.01
OP1 0A B 26 -8.19 -17.08 9.84
OP2 0A B 26 -10.20 -17.54 11.31
P 0G B 27 -12.64 -22.67 6.98
OP1 0G B 27 -13.20 -23.23 5.74
OP2 0G B 27 -13.37 -22.72 8.26
O5' 0G B 27 -11.15 -23.26 7.19
C5' 0G B 27 -10.33 -23.48 6.03
C4' 0G B 27 -8.87 -23.37 6.45
O4' 0G B 27 -8.53 -22.02 6.75
C3' 0G B 27 -8.00 -23.70 5.29
O3' 0G B 27 -7.90 -25.13 5.24
C2' 0G B 27 -6.68 -23.08 5.70
O2' 0G B 27 -5.98 -24.05 6.49
C1' 0G B 27 -7.07 -21.94 6.60
N9 0G B 27 -6.84 -20.55 6.08
C8 0G B 27 -6.31 -19.56 6.79
N7 0G B 27 -6.29 -18.46 6.04
C6 0G B 27 -7.01 -18.03 3.78
O6 0G B 27 -6.70 -16.83 3.76
C5 0G B 27 -6.81 -18.77 4.86
N1 0G B 27 -7.60 -18.62 2.65
C2 0G B 27 -7.95 -19.98 2.71
N2 0G B 27 -8.50 -20.57 1.66
N3 0G B 27 -7.72 -20.68 3.83
C4 0G B 27 -7.16 -20.07 4.89
P 0C B 28 -7.95 -25.90 3.83
OP1 0C B 28 -6.66 -25.62 3.17
OP2 0C B 28 -9.20 -25.55 3.13
O5' 0C B 28 -7.90 -27.42 4.29
C5' 0C B 28 -9.04 -28.07 4.88
C4' 0C B 28 -8.59 -29.27 5.75
O4' 0C B 28 -7.94 -28.72 6.92
C3' 0C B 28 -7.53 -30.07 5.08
O3' 0C B 28 -8.06 -31.15 4.32
C2' 0C B 28 -6.80 -30.69 6.22
O2' 0C B 28 -7.56 -31.83 6.67
C1' 0C B 28 -6.79 -29.56 7.24
N1 0C B 28 -5.47 -28.81 7.19
C2 0C B 28 -4.36 -29.36 7.73
O2 0C B 28 -4.40 -30.49 8.24
N3 0C B 28 -3.13 -28.68 7.69
C4 0C B 28 -3.05 -27.41 7.11
N4 0C B 28 -1.88 -26.78 7.10
C5 0C B 28 -4.18 -26.82 6.57
C6 0C B 28 -5.39 -27.52 6.61
P 0C B 29 -7.43 -31.51 2.90
OP1 0C B 29 -6.81 -30.41 2.14
OP2 0C B 29 -8.64 -32.19 2.39
O5' 0C B 29 -6.31 -32.62 3.27
C5' 0C B 29 -6.63 -33.87 3.89
C4' 0C B 29 -5.34 -34.50 4.39
O4' 0C B 29 -4.76 -33.60 5.36
C3' 0C B 29 -4.30 -34.51 3.29
O3' 0C B 29 -4.42 -35.60 2.36
C2' 0C B 29 -3.01 -34.62 4.07
O2' 0C B 29 -2.82 -35.94 4.59
C1' 0C B 29 -3.29 -33.70 5.22
N1 0C B 29 -2.65 -32.37 5.03
C2 0C B 29 -1.31 -32.23 5.19
O2 0C B 29 -0.60 -33.19 5.49
N3 0C B 29 -0.72 -30.96 5.04
C4 0C B 29 -1.49 -29.84 4.70
N4 0C B 29 -0.91 -28.65 4.56
C5 0C B 29 -2.87 -30.00 4.54
C6 0C B 29 -3.45 -31.25 4.70
P 0G B 30 -3.96 -35.39 0.84
OP1 0G B 30 -4.30 -34.05 0.35
OP2 0G B 30 -4.46 -36.58 0.11
O5' 0G B 30 -2.37 -35.54 0.93
C5' 0G B 30 -1.83 -36.79 1.35
C4' 0G B 30 -0.32 -36.65 1.51
O4' 0G B 30 -0.03 -35.71 2.59
C3' 0G B 30 0.26 -35.99 0.28
O3' 0G B 30 0.44 -36.94 -0.78
C2' 0G B 30 1.57 -35.51 0.84
O2' 0G B 30 2.46 -36.62 1.04
C1' 0G B 30 1.14 -34.93 2.19
N9 0G B 30 0.84 -33.46 2.09
C8 0G B 30 -0.33 -32.84 1.94
N7 0G B 30 -0.09 -31.52 1.90
C6 0G B 30 1.96 -30.23 2.07
O6 0G B 30 1.44 -29.12 1.96
C5 0G B 30 1.22 -31.35 2.05
N1 0G B 30 3.34 -30.31 2.22
C2 0G B 30 3.93 -31.59 2.35
N2 0G B 30 5.24 -31.72 2.49
N3 0G B 30 3.13 -32.66 2.31
C4 0G B 30 1.80 -32.53 2.16
P 0U1 B 31 0.46 -36.45 -2.31
O5' 0U1 B 31 1.94 -35.79 -2.46
C5' 0U1 B 31 3.17 -36.50 -2.33
C4' 0U1 B 31 4.33 -35.50 -2.20
O4' 0U1 B 31 4.00 -34.58 -1.11
C3' 0U1 B 31 4.41 -34.62 -3.45
O3' 0U1 B 31 5.32 -35.16 -4.46
C2' 0U1 B 31 4.89 -33.25 -2.92
C1' 0U1 B 31 4.30 -33.20 -1.51
N1 0U1 B 31 3.16 -32.22 -1.43
C2 0U1 B 31 3.39 -30.92 -1.13
O2 0U1 B 31 4.54 -30.52 -0.90
N3 0U1 B 31 2.32 -30.00 -1.08
C4 0U1 B 31 0.99 -30.43 -1.33
O4 0U1 B 31 0.05 -29.63 -1.27
C5 0U1 B 31 0.75 -31.77 -1.63
C6 0U1 B 31 1.83 -32.66 -1.69
OP1 0U1 B 31 -0.53 -35.54 -2.91
OP2 0U1 B 31 0.50 -37.87 -2.67
SE 0U1 B 31 6.85 -32.95 -2.77
CSE 0U1 B 31 7.19 -33.71 -0.98
P 0G B 32 4.86 -35.20 -6.01
OP1 0G B 32 3.54 -34.57 -6.19
OP2 0G B 32 5.08 -36.59 -6.45
O5' 0G B 32 5.94 -34.27 -6.73
C5' 0G B 32 7.34 -34.48 -6.55
C4' 0G B 32 8.07 -33.19 -6.94
O4' 0G B 32 7.70 -32.18 -5.97
C3' 0G B 32 7.52 -32.62 -8.26
O3' 0G B 32 8.08 -33.24 -9.45
C2' 0G B 32 8.03 -31.23 -8.10
O2' 0G B 32 9.45 -31.20 -8.22
C1' 0G B 32 7.64 -30.91 -6.67
N9 0G B 32 6.29 -30.28 -6.67
C8 0G B 32 5.11 -30.80 -6.33
N7 0G B 32 4.17 -29.87 -6.48
C6 0G B 32 4.30 -27.56 -7.25
O6 0G B 32 3.09 -27.29 -7.15
C5 0G B 32 4.78 -28.77 -6.94
N1 0G B 32 5.17 -26.56 -7.72
C2 0G B 32 6.53 -26.87 -7.81
N2 0G B 32 7.36 -25.94 -8.26
N3 0G B 32 6.95 -28.09 -7.48
C4 0G B 32 6.09 -29.03 -7.06
P 0G B 33 7.21 -33.27 -10.81
OP1 0G B 33 5.76 -33.55 -10.74
OP2 0G B 33 8.13 -34.19 -11.50
O5' 0G B 33 7.37 -31.77 -11.38
C5' 0G B 33 8.63 -31.26 -11.77
C4' 0G B 33 8.53 -29.73 -11.88
O4' 0G B 33 7.79 -29.18 -10.77
C3' 0G B 33 7.67 -29.35 -13.05
O3' 0G B 33 8.44 -29.42 -14.23
C2' 0G B 33 7.39 -27.90 -12.73
O2' 0G B 33 8.55 -27.11 -12.94
C1' 0G B 33 7.14 -27.97 -11.24
N9 0G B 33 5.69 -28.05 -10.89
C8 0G B 33 5.00 -29.12 -10.46
N7 0G B 33 3.75 -28.74 -10.25
C6 0G B 33 2.63 -26.57 -10.49
O6 0G B 33 1.51 -26.92 -10.12
C5 0G B 33 3.66 -27.43 -10.54
N1 0G B 33 2.83 -25.23 -10.87
C2 0G B 33 4.10 -24.83 -11.28
N2 0G B 33 4.31 -23.56 -11.63
N3 0G B 33 5.08 -25.73 -11.31
C4 0G B 33 4.87 -27.01 -10.94
P 0C B 34 7.71 -29.66 -15.63
OP1 0C B 34 6.59 -30.59 -15.72
OP2 0C B 34 8.94 -29.90 -16.41
O5' 0C B 34 7.20 -28.17 -16.00
C5' 0C B 34 8.18 -27.13 -16.27
C4' 0C B 34 7.46 -25.82 -16.62
O4' 0C B 34 6.49 -25.54 -15.57
C3' 0C B 34 6.68 -25.96 -17.93
O3' 0C B 34 6.77 -24.76 -18.74
C2' 0C B 34 5.25 -26.12 -17.43
O2' 0C B 34 4.34 -25.62 -18.37
C1' 0C B 34 5.25 -25.23 -16.20
N1 0C B 34 4.07 -25.58 -15.36
C2 0C B 34 3.13 -24.66 -15.09
O2 0C B 34 3.22 -23.49 -15.50
N3 0C B 34 2.03 -25.01 -14.31
C4 0C B 34 1.87 -26.30 -13.81
N4 0C B 34 0.78 -26.59 -13.07
C5 0C B 34 2.83 -27.26 -14.08
C6 0C B 34 3.94 -26.90 -14.85
P 0U B 35 8.14 -24.40 -19.53
OP1 0U B 35 7.52 -24.41 -20.87
OP2 0U B 35 9.34 -25.22 -19.28
O5' 0U B 35 8.43 -22.90 -19.08
C5' 0U B 35 9.58 -22.23 -19.62
C4' 0U B 35 9.93 -21.01 -18.77
O4' 0U B 35 10.28 -21.36 -17.39
C3' 0U B 35 8.72 -20.14 -18.59
O3' 0U B 35 8.46 -19.37 -19.79
C2' 0U B 35 9.23 -19.26 -17.47
O2' 0U B 35 10.29 -18.42 -17.92
C1' 0U B 35 9.87 -20.24 -16.54
N1 0U B 35 8.95 -20.67 -15.44
C2 0U B 35 8.80 -19.93 -14.32
O2 0U B 35 9.38 -18.85 -14.18
N3 0U B 35 7.95 -20.38 -13.29
C4 0U B 35 7.27 -21.58 -13.41
O4 0U B 35 6.53 -21.98 -12.50
C5 0U B 35 7.43 -22.36 -14.55
C6 0U B 35 8.27 -21.90 -15.57
P 0C B 36 6.98 -18.84 -20.09
OP1 0C B 36 6.00 -19.94 -20.11
OP2 0C B 36 7.15 -18.02 -21.31
O5' 0C B 36 6.69 -17.84 -18.87
C5' 0C B 36 7.21 -16.51 -18.86
C4' 0C B 36 6.83 -15.84 -17.55
O4' 0C B 36 7.14 -16.68 -16.40
C3' 0C B 36 5.30 -15.67 -17.47
O3' 0C B 36 4.88 -14.52 -18.21
C2' 0C B 36 5.10 -15.48 -15.97
O2' 0C B 36 5.46 -14.16 -15.56
C1' 0C B 36 6.09 -16.47 -15.38
N1 0C B 36 5.41 -17.74 -15.02
C2 0C B 36 4.66 -17.79 -13.91
O2 0C B 36 4.56 -16.79 -13.19
N3 0C B 36 4.02 -18.96 -13.53
C4 0C B 36 4.12 -20.10 -14.32
N4 0C B 36 3.47 -21.20 -13.93
C5 0C B 36 4.88 -20.07 -15.49
C6 0C B 36 5.53 -18.89 -15.84
P 0U B 37 3.61 -14.63 -19.21
OP1 0U B 37 3.50 -15.98 -19.81
OP2 0U B 37 3.80 -13.45 -20.06
O5' 0U B 37 2.37 -14.47 -18.23
C5' 0U B 37 2.13 -13.25 -17.52
C4' 0U B 37 0.97 -13.50 -16.53
O4' 0U B 37 1.42 -14.44 -15.52
C3' 0U B 37 -0.19 -14.26 -17.18
O3' 0U B 37 -1.07 -13.41 -17.92
C2' 0U B 37 -0.90 -14.76 -15.93
O2' 0U B 37 -1.53 -13.68 -15.23
C1' 0U B 37 0.27 -15.25 -15.09
N1 0U B 37 0.57 -16.68 -15.37
C2 0U B 37 -0.14 -17.64 -14.74
O2 0U B 37 -1.02 -17.32 -13.94
N3 0U B 37 0.11 -19.00 -14.98
C4 0U B 37 1.10 -19.38 -15.89
O4 0U B 37 1.32 -20.58 -16.08
C5 0U B 37 1.84 -18.40 -16.55
C6 0U B 37 1.58 -17.04 -16.29
P 0G B 38 -1.89 -14.02 -19.16
OP1 0G B 38 -1.14 -15.00 -19.94
OP2 0G B 38 -2.37 -12.79 -19.81
O5' 0G B 38 -3.09 -14.78 -18.44
C5' 0G B 38 -4.08 -14.10 -17.67
C4' 0G B 38 -5.01 -15.11 -17.00
O4' 0G B 38 -4.20 -15.91 -16.11
C3' 0G B 38 -5.52 -16.13 -17.99
O3' 0G B 38 -6.65 -15.61 -18.71
C2' 0G B 38 -5.92 -17.24 -17.07
O2' 0G B 38 -7.07 -16.86 -16.31
C1' 0G B 38 -4.73 -17.26 -16.12
N9 0G B 38 -3.69 -18.15 -16.60
C8 0G B 38 -2.59 -17.80 -17.28
N7 0G B 38 -1.89 -18.91 -17.54
C6 0G B 38 -2.32 -21.24 -16.98
O6 0G B 38 -1.30 -21.70 -17.50
C5 0G B 38 -2.57 -19.93 -17.02
N1 0G B 38 -3.20 -22.10 -16.37
C2 0G B 38 -4.36 -21.61 -15.77
N2 0G B 38 -5.21 -22.45 -15.19
N3 0G B 38 -4.58 -20.28 -15.83
C4 0G B 38 -3.69 -19.46 -16.45
P 0C B 39 -6.99 -16.17 -20.16
OP1 0C B 39 -5.85 -16.19 -21.09
OP2 0C B 39 -8.19 -15.34 -20.46
O5' 0C B 39 -7.49 -17.67 -19.84
C5' 0C B 39 -8.78 -17.88 -19.23
C4' 0C B 39 -8.92 -19.34 -18.79
O4' 0C B 39 -7.67 -19.69 -18.13
C3' 0C B 39 -8.94 -20.24 -20.00
O3' 0C B 39 -10.27 -20.39 -20.56
C2' 0C B 39 -8.45 -21.55 -19.45
O2' 0C B 39 -9.44 -22.14 -18.64
C1' 0C B 39 -7.35 -21.08 -18.50
N1 0C B 39 -5.99 -21.20 -19.10
C2 0C B 39 -5.40 -22.41 -19.09
O2 0C B 39 -5.97 -23.39 -18.63
N3 0C B 39 -4.12 -22.54 -19.62
C4 0C B 39 -3.44 -21.44 -20.16
N4 0C B 39 -2.24 -21.60 -20.65
C5 0C B 39 -4.06 -20.19 -20.16
C6 0C B 39 -5.34 -20.07 -19.62
P 0G B 40 -10.45 -20.45 -22.15
OP1 0G B 40 -9.44 -19.61 -22.83
OP2 0G B 40 -11.89 -20.15 -22.34
O5' 0G B 40 -10.14 -22.02 -22.49
C5' 0G B 40 -11.02 -23.07 -22.06
C4' 0G B 40 -10.28 -24.43 -22.09
O4' 0G B 40 -9.05 -24.32 -21.35
C3' 0G B 40 -9.82 -24.78 -23.49
O3' 0G B 40 -10.83 -25.51 -24.16
C2' 0G B 40 -8.69 -25.70 -23.20
O2' 0G B 40 -9.19 -26.99 -22.80
C1' 0G B 40 -8.03 -25.08 -22.00
N9 0G B 40 -6.92 -24.17 -22.40
C8 0G B 40 -7.01 -22.86 -22.63
N7 0G B 40 -5.81 -22.43 -22.95
C6 0G B 40 -3.66 -23.55 -23.17
O6 0G B 40 -2.99 -22.57 -23.51
C5 0G B 40 -4.96 -23.47 -22.93
N1 0G B 40 -3.02 -24.77 -23.08
C2 0G B 40 -3.77 -25.88 -22.72
N2 0G B 40 -3.16 -27.05 -22.63
N3 0G B 40 -5.07 -25.75 -22.47
C4 0G B 40 -5.65 -24.55 -22.58
NA NA C . -2.11 -28.31 -1.07
SR SR D . 0.65 -18.51 -4.73
K K E . -14.51 -15.82 -6.08
K K F . -13.20 -10.35 -8.68
K K G . 1.33 -19.19 -21.32
K K H . 0.90 -28.68 -7.93
K K I . 10.79 -30.30 -1.18
#